data_5NCR
#
_entry.id   5NCR
#
_cell.length_a   49.558
_cell.length_b   63.554
_cell.length_c   55.391
_cell.angle_alpha   90.000
_cell.angle_beta   97.070
_cell.angle_gamma   90.000
#
_symmetry.space_group_name_H-M   'P 1 21 1'
#
loop_
_entity.id
_entity.type
_entity.pdbx_description
1 polymer 'tyrosine phosphatase'
2 non-polymer 'PHOSPHATE ION'
3 non-polymer 'SULFATE ION'
4 water water
#
_entity_poly.entity_id   1
_entity_poly.type   'polypeptide(L)'
_entity_poly.pdbx_seq_one_letter_code
;MGDKSEWYARLLLRCTRAGPPLALPSGMTRLTDHVYLGSAEDARAVLRGDSGVDFKCLVNMTMSKYSTPAGITAYHIPLR
DDDKTNIASIMPALVKLLARLEAEQKPTLVHSVAGVNRSGAAAMGYVMHKRLAENPTMTQPARFVYFLKTYYEIRDLRGA
FLENANFRYQLIKMFVCDSPS
;
_entity_poly.pdbx_strand_id   A,B
#
loop_
_chem_comp.id
_chem_comp.type
_chem_comp.name
_chem_comp.formula
PO4 non-polymer 'PHOSPHATE ION' 'O4 P -3'
SO4 non-polymer 'SULFATE ION' 'O4 S -2'
#
# COMPACT_ATOMS: atom_id res chain seq x y z
N GLU A 6 10.69 11.30 -2.03
CA GLU A 6 9.73 11.17 -3.13
C GLU A 6 9.51 9.73 -3.56
N TRP A 7 10.60 8.93 -3.60
CA TRP A 7 10.59 7.52 -4.01
C TRP A 7 9.63 6.62 -3.18
N TYR A 8 9.66 6.76 -1.82
CA TYR A 8 8.82 5.96 -0.92
C TYR A 8 7.32 6.23 -1.11
N ALA A 9 6.92 7.52 -1.27
CA ALA A 9 5.53 7.96 -1.45
C ALA A 9 4.77 7.31 -2.62
N ARG A 10 5.47 6.97 -3.72
CA ARG A 10 4.87 6.39 -4.93
C ARG A 10 4.15 5.02 -4.72
N LEU A 11 4.55 4.19 -3.69
CA LEU A 11 3.92 2.90 -3.36
C LEU A 11 2.57 3.14 -2.71
N LEU A 12 2.51 4.06 -1.70
CA LEU A 12 1.25 4.35 -1.02
C LEU A 12 0.31 4.91 -2.04
N LEU A 13 0.84 5.68 -3.01
CA LEU A 13 -0.02 6.20 -4.06
C LEU A 13 -0.62 5.05 -4.90
N ARG A 14 0.10 3.89 -5.02
CA ARG A 14 -0.45 2.68 -5.69
C ARG A 14 -1.69 2.15 -4.91
N CYS A 15 -1.58 2.11 -3.56
CA CYS A 15 -2.56 1.61 -2.57
C CYS A 15 -3.90 2.38 -2.56
N THR A 16 -3.85 3.70 -2.77
CA THR A 16 -5.03 4.58 -2.64
C THR A 16 -5.68 4.99 -3.98
N ARG A 17 -5.23 4.35 -5.08
CA ARG A 17 -5.80 4.50 -6.41
C ARG A 17 -7.02 3.55 -6.38
N ALA A 18 -8.17 4.09 -5.95
CA ALA A 18 -9.41 3.37 -5.74
C ALA A 18 -10.29 3.20 -6.99
N GLY A 19 -9.86 3.78 -8.11
CA GLY A 19 -10.62 3.72 -9.35
C GLY A 19 -11.74 4.74 -9.36
N PRO A 20 -12.74 4.57 -10.27
CA PRO A 20 -13.81 5.58 -10.36
C PRO A 20 -14.77 5.61 -9.16
N PRO A 21 -15.24 6.81 -8.74
CA PRO A 21 -16.22 6.87 -7.65
C PRO A 21 -17.52 6.17 -8.05
N LEU A 22 -18.12 5.40 -7.13
CA LEU A 22 -19.37 4.70 -7.36
C LEU A 22 -20.58 5.50 -6.79
N ALA A 23 -20.28 6.64 -6.13
CA ALA A 23 -21.21 7.60 -5.54
C ALA A 23 -20.47 8.92 -5.36
N LEU A 24 -21.21 10.02 -5.37
CA LEU A 24 -20.64 11.34 -5.12
C LEU A 24 -21.10 11.81 -3.74
N PRO A 25 -20.32 12.65 -3.03
CA PRO A 25 -20.77 13.10 -1.70
C PRO A 25 -22.16 13.76 -1.77
N SER A 26 -23.04 13.43 -0.81
CA SER A 26 -24.43 13.91 -0.77
C SER A 26 -24.90 14.61 0.53
N GLY A 27 -23.98 14.84 1.44
CA GLY A 27 -24.21 15.47 2.73
C GLY A 27 -22.85 15.64 3.39
N MET A 28 -22.76 16.48 4.42
CA MET A 28 -21.47 16.69 5.07
C MET A 28 -21.12 15.49 5.93
N THR A 29 -19.84 15.31 6.19
CA THR A 29 -19.31 14.22 6.98
C THR A 29 -18.52 14.82 8.14
N ARG A 30 -18.83 14.37 9.32
CA ARG A 30 -18.17 14.79 10.55
C ARG A 30 -16.88 13.96 10.63
N LEU A 31 -15.71 14.61 10.60
CA LEU A 31 -14.42 13.92 10.68
C LEU A 31 -13.98 13.76 12.13
N THR A 32 -14.19 14.79 12.93
CA THR A 32 -13.80 14.90 14.32
C THR A 32 -15.00 15.48 15.13
N ASP A 33 -14.85 15.74 16.42
CA ASP A 33 -15.93 16.34 17.19
C ASP A 33 -16.41 17.70 16.61
N HIS A 34 -15.47 18.54 16.15
CA HIS A 34 -15.86 19.85 15.63
C HIS A 34 -15.53 20.09 14.16
N VAL A 35 -14.83 19.18 13.46
CA VAL A 35 -14.50 19.44 12.05
C VAL A 35 -15.36 18.56 11.13
N TYR A 36 -15.98 19.21 10.13
CA TYR A 36 -16.87 18.62 9.15
C TYR A 36 -16.32 18.89 7.77
N LEU A 37 -16.57 17.95 6.85
CA LEU A 37 -16.17 17.99 5.46
C LEU A 37 -17.44 18.09 4.64
N GLY A 38 -17.47 19.03 3.73
CA GLY A 38 -18.64 19.22 2.88
C GLY A 38 -18.33 19.85 1.54
N SER A 39 -19.39 20.10 0.77
CA SER A 39 -19.35 20.67 -0.57
C SER A 39 -19.90 22.09 -0.54
N ALA A 40 -20.02 22.73 -1.73
CA ALA A 40 -20.62 24.07 -1.88
C ALA A 40 -22.07 24.04 -1.43
N GLU A 41 -22.78 22.92 -1.70
CA GLU A 41 -24.18 22.71 -1.29
C GLU A 41 -24.31 22.75 0.23
N ASP A 42 -23.36 22.12 0.97
CA ASP A 42 -23.38 22.12 2.44
C ASP A 42 -23.07 23.50 2.98
N ALA A 43 -22.11 24.20 2.36
CA ALA A 43 -21.74 25.56 2.76
C ALA A 43 -22.94 26.49 2.57
N ARG A 44 -23.68 26.38 1.43
CA ARG A 44 -24.85 27.23 1.20
CA ARG A 44 -24.86 27.22 1.18
C ARG A 44 -25.98 26.96 2.19
N ALA A 45 -26.14 25.69 2.64
CA ALA A 45 -27.14 25.30 3.66
C ALA A 45 -26.82 25.96 5.01
N VAL A 46 -25.52 26.00 5.40
CA VAL A 46 -25.05 26.67 6.63
C VAL A 46 -25.40 28.17 6.54
N LEU A 47 -25.02 28.84 5.43
CA LEU A 47 -25.24 30.26 5.18
C LEU A 47 -26.74 30.66 5.14
N ARG A 48 -27.65 29.75 4.73
CA ARG A 48 -29.11 29.99 4.71
C ARG A 48 -29.73 29.81 6.10
N GLY A 49 -28.94 29.27 7.03
CA GLY A 49 -29.39 28.92 8.37
C GLY A 49 -30.22 27.64 8.36
N ASP A 50 -29.98 26.78 7.35
CA ASP A 50 -30.70 25.52 7.11
C ASP A 50 -29.93 24.29 7.61
N SER A 51 -28.76 24.49 8.22
CA SER A 51 -27.93 23.40 8.72
C SER A 51 -28.44 22.84 10.06
N GLY A 52 -28.18 21.56 10.31
CA GLY A 52 -28.52 20.88 11.55
C GLY A 52 -27.45 21.02 12.62
N VAL A 53 -26.33 21.73 12.31
CA VAL A 53 -25.20 21.97 13.22
C VAL A 53 -25.00 23.48 13.39
N ASP A 54 -24.74 23.94 14.64
CA ASP A 54 -24.49 25.37 14.86
C ASP A 54 -23.03 25.71 14.57
N PHE A 55 -22.74 25.81 13.27
CA PHE A 55 -21.41 26.14 12.77
C PHE A 55 -20.94 27.53 13.17
N LYS A 56 -19.71 27.58 13.67
CA LYS A 56 -19.10 28.85 14.05
C LYS A 56 -18.08 29.30 13.02
N CYS A 57 -17.54 28.35 12.22
CA CYS A 57 -16.52 28.62 11.19
C CYS A 57 -16.78 27.87 9.91
N LEU A 58 -16.32 28.45 8.80
CA LEU A 58 -16.32 27.84 7.48
C LEU A 58 -14.92 28.02 6.94
N VAL A 59 -14.35 26.98 6.38
CA VAL A 59 -13.03 27.01 5.74
C VAL A 59 -13.31 26.78 4.27
N ASN A 60 -13.34 27.89 3.54
CA ASN A 60 -13.65 27.93 2.12
C ASN A 60 -12.39 27.72 1.29
N MET A 61 -12.31 26.55 0.65
CA MET A 61 -11.16 26.17 -0.17
C MET A 61 -11.49 26.16 -1.65
N THR A 62 -12.12 27.24 -2.10
CA THR A 62 -12.53 27.48 -3.49
C THR A 62 -11.94 28.85 -3.87
N MET A 63 -12.00 29.22 -5.15
CA MET A 63 -11.49 30.51 -5.62
C MET A 63 -12.41 31.68 -5.27
N SER A 64 -13.74 31.44 -5.21
CA SER A 64 -14.73 32.47 -4.91
C SER A 64 -14.99 32.68 -3.42
N LYS A 65 -14.90 33.92 -2.99
CA LYS A 65 -15.16 34.36 -1.62
C LYS A 65 -16.68 34.57 -1.48
N TYR A 66 -17.20 34.60 -0.23
CA TYR A 66 -18.61 34.87 0.09
C TYR A 66 -18.73 35.62 1.42
N SER A 67 -19.89 36.25 1.65
CA SER A 67 -20.22 36.97 2.88
C SER A 67 -20.79 35.95 3.86
N THR A 68 -20.56 36.18 5.16
CA THR A 68 -21.05 35.31 6.22
C THR A 68 -22.02 36.05 7.14
N PRO A 69 -23.08 35.37 7.65
CA PRO A 69 -23.95 36.03 8.62
C PRO A 69 -23.20 36.22 9.95
N ALA A 70 -23.74 37.04 10.84
CA ALA A 70 -23.16 37.33 12.15
C ALA A 70 -22.97 36.02 12.95
N GLY A 71 -21.83 35.91 13.61
CA GLY A 71 -21.51 34.73 14.42
C GLY A 71 -20.76 33.64 13.68
N ILE A 72 -20.65 33.75 12.34
CA ILE A 72 -19.91 32.78 11.52
C ILE A 72 -18.67 33.44 10.88
N THR A 73 -17.48 32.86 11.12
CA THR A 73 -16.20 33.32 10.56
C THR A 73 -15.79 32.43 9.38
N ALA A 74 -15.57 33.02 8.19
CA ALA A 74 -15.14 32.29 7.01
C ALA A 74 -13.69 32.55 6.68
N TYR A 75 -12.91 31.48 6.64
CA TYR A 75 -11.49 31.52 6.28
C TYR A 75 -11.41 31.07 4.82
N HIS A 76 -10.75 31.87 4.01
CA HIS A 76 -10.64 31.62 2.58
C HIS A 76 -9.24 31.13 2.22
N ILE A 77 -9.16 29.92 1.68
CA ILE A 77 -7.91 29.33 1.21
C ILE A 77 -8.08 29.08 -0.30
N PRO A 78 -7.65 30.02 -1.16
CA PRO A 78 -7.87 29.87 -2.60
C PRO A 78 -7.02 28.79 -3.23
N LEU A 79 -7.68 27.76 -3.76
CA LEU A 79 -7.01 26.61 -4.42
C LEU A 79 -7.83 26.20 -5.61
N ARG A 80 -7.20 25.68 -6.63
CA ARG A 80 -7.96 25.14 -7.75
C ARG A 80 -7.78 23.63 -7.65
N ASP A 81 -8.74 22.85 -8.13
CA ASP A 81 -8.67 21.38 -8.14
C ASP A 81 -8.13 20.92 -9.49
N ASP A 82 -6.80 20.88 -9.58
CA ASP A 82 -6.11 20.48 -10.82
C ASP A 82 -4.82 19.70 -10.54
N ASP A 83 -4.08 19.35 -11.60
CA ASP A 83 -2.81 18.60 -11.50
C ASP A 83 -1.59 19.55 -11.46
N LYS A 84 -1.86 20.88 -11.34
CA LYS A 84 -0.88 21.95 -11.29
C LYS A 84 -0.94 22.77 -9.99
N THR A 85 -1.46 22.18 -8.89
CA THR A 85 -1.58 22.84 -7.60
C THR A 85 -0.76 22.12 -6.51
N ASN A 86 -0.02 22.89 -5.70
CA ASN A 86 0.74 22.37 -4.59
C ASN A 86 -0.10 22.61 -3.34
N ILE A 87 -0.80 21.57 -2.85
CA ILE A 87 -1.65 21.67 -1.66
C ILE A 87 -0.78 21.59 -0.38
N ALA A 88 0.42 21.01 -0.52
CA ALA A 88 1.42 20.84 0.55
C ALA A 88 1.92 22.18 1.11
N SER A 89 2.07 23.20 0.23
CA SER A 89 2.56 24.53 0.63
C SER A 89 1.72 25.17 1.77
N ILE A 90 0.38 25.04 1.70
CA ILE A 90 -0.56 25.64 2.68
C ILE A 90 -1.03 24.67 3.81
N MET A 91 -0.82 23.35 3.64
CA MET A 91 -1.26 22.30 4.58
C MET A 91 -0.75 22.47 6.03
N PRO A 92 0.54 22.76 6.32
CA PRO A 92 0.95 22.94 7.73
C PRO A 92 0.17 24.04 8.45
N ALA A 93 -0.08 25.20 7.79
CA ALA A 93 -0.86 26.27 8.42
C ALA A 93 -2.35 25.93 8.48
N LEU A 94 -2.88 25.21 7.50
CA LEU A 94 -4.28 24.82 7.55
C LEU A 94 -4.57 23.79 8.67
N VAL A 95 -3.72 22.79 8.84
CA VAL A 95 -3.94 21.78 9.90
C VAL A 95 -3.81 22.46 11.29
N LYS A 96 -2.89 23.43 11.41
CA LYS A 96 -2.63 24.22 12.62
C LYS A 96 -3.89 25.08 12.93
N LEU A 97 -4.54 25.63 11.89
CA LEU A 97 -5.77 26.41 12.03
C LEU A 97 -6.95 25.52 12.47
N LEU A 98 -7.11 24.34 11.83
CA LEU A 98 -8.19 23.41 12.16
C LEU A 98 -8.05 22.87 13.57
N ALA A 99 -6.80 22.60 14.01
CA ALA A 99 -6.52 22.12 15.36
C ALA A 99 -6.90 23.22 16.40
N ARG A 100 -6.64 24.49 16.07
CA ARG A 100 -6.97 25.62 16.96
C ARG A 100 -8.49 25.79 17.07
N LEU A 101 -9.22 25.67 15.95
CA LEU A 101 -10.70 25.79 15.95
C LEU A 101 -11.34 24.63 16.75
N GLU A 102 -10.79 23.40 16.59
CA GLU A 102 -11.19 22.19 17.31
C GLU A 102 -10.98 22.40 18.82
N ALA A 103 -9.79 22.91 19.23
CA ALA A 103 -9.44 23.19 20.63
C ALA A 103 -10.38 24.25 21.22
N GLU A 104 -10.74 25.29 20.44
CA GLU A 104 -11.66 26.37 20.81
C GLU A 104 -13.12 25.90 20.79
N GLN A 105 -13.34 24.63 20.33
CA GLN A 105 -14.63 23.93 20.24
C GLN A 105 -15.61 24.64 19.29
N LYS A 106 -15.09 25.13 18.16
CA LYS A 106 -15.92 25.80 17.17
C LYS A 106 -16.32 24.81 16.09
N PRO A 107 -17.62 24.39 15.97
CA PRO A 107 -18.02 23.52 14.84
C PRO A 107 -17.63 24.21 13.53
N THR A 108 -16.81 23.52 12.72
CA THR A 108 -16.20 24.05 11.52
C THR A 108 -16.51 23.19 10.32
N LEU A 109 -16.86 23.86 9.20
CA LEU A 109 -17.11 23.17 7.96
C LEU A 109 -16.03 23.53 6.96
N VAL A 110 -15.23 22.54 6.56
CA VAL A 110 -14.17 22.64 5.54
C VAL A 110 -14.86 22.21 4.26
N HIS A 111 -14.86 23.11 3.28
CA HIS A 111 -15.56 22.83 2.04
C HIS A 111 -14.85 23.36 0.79
N SER A 112 -15.18 22.74 -0.34
CA SER A 112 -14.76 23.08 -1.68
C SER A 112 -15.94 22.63 -2.55
N VAL A 113 -16.04 23.09 -3.79
CA VAL A 113 -17.20 22.92 -4.66
C VAL A 113 -17.80 21.51 -4.63
N ALA A 114 -17.06 20.46 -5.03
CA ALA A 114 -17.57 19.08 -5.06
C ALA A 114 -17.50 18.39 -3.69
N GLY A 115 -16.73 18.97 -2.77
CA GLY A 115 -16.46 18.37 -1.46
C GLY A 115 -15.62 17.12 -1.57
N VAL A 116 -14.77 17.06 -2.59
CA VAL A 116 -13.96 15.86 -2.87
C VAL A 116 -12.46 16.08 -2.71
N ASN A 117 -11.88 16.97 -3.51
CA ASN A 117 -10.45 17.09 -3.62
C ASN A 117 -9.79 18.16 -2.75
N ARG A 118 -10.13 19.44 -2.88
CA ARG A 118 -9.46 20.49 -2.10
C ARG A 118 -9.77 20.36 -0.60
N SER A 119 -11.09 20.29 -0.23
CA SER A 119 -11.52 20.10 1.16
C SER A 119 -11.18 18.68 1.63
N GLY A 120 -11.23 17.69 0.73
CA GLY A 120 -10.84 16.32 1.04
C GLY A 120 -9.37 16.27 1.45
N ALA A 121 -8.52 17.02 0.74
CA ALA A 121 -7.07 17.07 1.05
C ALA A 121 -6.84 17.72 2.44
N ALA A 122 -7.61 18.78 2.76
CA ALA A 122 -7.56 19.44 4.07
C ALA A 122 -8.02 18.47 5.15
N ALA A 123 -9.12 17.74 4.88
CA ALA A 123 -9.69 16.72 5.76
C ALA A 123 -8.65 15.61 6.06
N MET A 124 -8.02 15.05 5.00
CA MET A 124 -6.99 14.02 5.13
C MET A 124 -5.80 14.55 5.94
N GLY A 125 -5.32 15.74 5.58
CA GLY A 125 -4.21 16.38 6.28
C GLY A 125 -4.49 16.57 7.77
N TYR A 126 -5.66 17.08 8.08
CA TYR A 126 -6.04 17.34 9.46
C TYR A 126 -6.20 16.06 10.31
N VAL A 127 -6.81 15.03 9.74
CA VAL A 127 -6.99 13.73 10.38
C VAL A 127 -5.61 13.12 10.68
N MET A 128 -4.66 13.24 9.70
CA MET A 128 -3.29 12.72 9.87
C MET A 128 -2.58 13.49 10.99
N HIS A 129 -2.68 14.82 10.95
CA HIS A 129 -2.09 15.73 11.92
C HIS A 129 -2.59 15.43 13.32
N LYS A 130 -3.93 15.27 13.46
CA LYS A 130 -4.57 15.00 14.75
C LYS A 130 -4.08 13.70 15.34
N ARG A 131 -3.99 12.63 14.51
CA ARG A 131 -3.52 11.32 14.91
C ARG A 131 -2.07 11.41 15.41
N LEU A 132 -1.20 12.11 14.67
CA LEU A 132 0.21 12.27 15.05
C LEU A 132 0.40 13.14 16.29
N ALA A 133 -0.51 14.10 16.53
CA ALA A 133 -0.45 14.94 17.72
C ALA A 133 -0.80 14.10 18.93
N GLU A 134 -1.81 13.24 18.83
CA GLU A 134 -2.22 12.32 19.89
C GLU A 134 -1.24 11.14 20.08
N ASN A 135 -0.61 10.67 19.00
CA ASN A 135 0.33 9.53 18.97
C ASN A 135 1.65 9.96 18.31
N PRO A 136 2.47 10.81 18.99
CA PRO A 136 3.68 11.36 18.32
C PRO A 136 4.82 10.36 18.09
N THR A 137 4.73 9.15 18.65
CA THR A 137 5.75 8.12 18.45
C THR A 137 5.43 7.26 17.22
N MET A 138 4.30 7.51 16.52
CA MET A 138 3.93 6.72 15.33
C MET A 138 5.05 6.68 14.29
N THR A 139 5.44 5.47 13.92
CA THR A 139 6.50 5.24 12.94
C THR A 139 6.02 5.54 11.52
N GLN A 140 6.96 5.60 10.56
CA GLN A 140 6.65 5.84 9.16
C GLN A 140 5.73 4.70 8.61
N PRO A 141 6.02 3.36 8.80
CA PRO A 141 5.06 2.33 8.36
C PRO A 141 3.69 2.50 9.03
N ALA A 142 3.66 2.86 10.35
CA ALA A 142 2.41 3.08 11.10
C ALA A 142 1.60 4.20 10.49
N ARG A 143 2.29 5.34 10.12
CA ARG A 143 1.69 6.50 9.44
C ARG A 143 1.15 6.04 8.09
N PHE A 144 1.92 5.25 7.33
CA PHE A 144 1.55 4.68 6.02
C PHE A 144 0.22 3.95 6.08
N VAL A 145 0.13 2.96 7.00
CA VAL A 145 -1.04 2.12 7.22
C VAL A 145 -2.24 2.92 7.73
N TYR A 146 -1.99 3.85 8.66
CA TYR A 146 -3.05 4.70 9.17
C TYR A 146 -3.61 5.57 8.03
N PHE A 147 -2.75 6.17 7.19
CA PHE A 147 -3.20 6.98 6.05
C PHE A 147 -4.12 6.12 5.19
N LEU A 148 -3.63 4.94 4.78
CA LEU A 148 -4.34 3.99 3.93
CA LEU A 148 -4.33 3.96 3.95
C LEU A 148 -5.72 3.62 4.49
N LYS A 149 -5.80 3.21 5.77
CA LYS A 149 -7.03 2.83 6.45
C LYS A 149 -8.01 4.01 6.50
N THR A 150 -7.51 5.19 6.86
CA THR A 150 -8.26 6.44 6.96
C THR A 150 -8.80 6.90 5.59
N TYR A 151 -7.97 6.79 4.54
CA TYR A 151 -8.36 7.15 3.18
C TYR A 151 -9.59 6.31 2.72
N TYR A 152 -9.53 4.99 2.92
CA TYR A 152 -10.60 4.09 2.51
C TYR A 152 -11.86 4.20 3.38
N GLU A 153 -11.69 4.49 4.67
CA GLU A 153 -12.78 4.74 5.61
C GLU A 153 -13.59 5.95 5.11
N ILE A 154 -12.91 7.10 4.88
CA ILE A 154 -13.58 8.34 4.45
C ILE A 154 -14.18 8.18 3.07
N ARG A 155 -13.44 7.55 2.14
CA ARG A 155 -13.96 7.31 0.78
C ARG A 155 -15.19 6.44 0.79
N ASP A 156 -15.28 5.48 1.73
CA ASP A 156 -16.45 4.63 1.82
C ASP A 156 -17.68 5.45 2.19
N LEU A 157 -17.52 6.44 3.07
CA LEU A 157 -18.62 7.29 3.52
C LEU A 157 -19.06 8.33 2.48
N ARG A 158 -18.10 8.82 1.69
CA ARG A 158 -18.32 9.93 0.75
C ARG A 158 -18.42 9.58 -0.71
N GLY A 159 -18.04 8.35 -1.06
CA GLY A 159 -18.08 7.87 -2.43
C GLY A 159 -16.86 8.33 -3.22
N ALA A 160 -16.64 9.63 -3.25
CA ALA A 160 -15.51 10.26 -3.91
C ALA A 160 -14.80 11.05 -2.85
N PHE A 161 -13.49 10.84 -2.74
CA PHE A 161 -12.69 11.51 -1.75
C PHE A 161 -11.26 11.50 -2.18
N LEU A 162 -10.68 12.70 -2.32
CA LEU A 162 -9.27 12.85 -2.64
C LEU A 162 -8.85 11.98 -3.84
N GLU A 163 -9.60 12.15 -4.95
CA GLU A 163 -9.41 11.45 -6.21
C GLU A 163 -8.21 12.03 -6.94
N ASN A 164 -7.96 13.33 -6.71
CA ASN A 164 -6.83 14.06 -7.26
C ASN A 164 -5.54 13.38 -6.74
N ALA A 165 -4.88 12.63 -7.63
CA ALA A 165 -3.65 11.88 -7.33
C ALA A 165 -2.50 12.77 -6.91
N ASN A 166 -2.40 13.97 -7.50
CA ASN A 166 -1.34 14.92 -7.14
C ASN A 166 -1.48 15.36 -5.68
N PHE A 167 -2.72 15.70 -5.23
CA PHE A 167 -2.98 16.10 -3.85
C PHE A 167 -2.71 14.92 -2.92
N ARG A 168 -3.17 13.72 -3.30
CA ARG A 168 -3.00 12.52 -2.49
C ARG A 168 -1.52 12.19 -2.30
N TYR A 169 -0.70 12.31 -3.38
CA TYR A 169 0.74 12.08 -3.33
C TYR A 169 1.38 13.13 -2.41
N GLN A 170 1.00 14.43 -2.56
CA GLN A 170 1.54 15.51 -1.72
C GLN A 170 1.26 15.26 -0.25
N LEU A 171 0.08 14.74 0.08
CA LEU A 171 -0.31 14.40 1.45
C LEU A 171 0.47 13.21 1.97
N ILE A 172 0.69 12.18 1.12
CA ILE A 172 1.52 11.03 1.50
C ILE A 172 2.92 11.54 1.85
N LYS A 173 3.53 12.35 0.98
CA LYS A 173 4.88 12.91 1.20
C LYS A 173 4.98 13.66 2.53
N MET A 174 4.01 14.53 2.79
CA MET A 174 4.00 15.37 3.97
C MET A 174 3.73 14.62 5.29
N PHE A 175 2.69 13.80 5.33
CA PHE A 175 2.25 13.16 6.56
C PHE A 175 2.70 11.74 6.76
N VAL A 176 3.22 11.07 5.73
CA VAL A 176 3.68 9.68 5.89
C VAL A 176 5.20 9.67 5.81
N CYS A 177 5.77 10.20 4.72
CA CYS A 177 7.21 10.22 4.49
C CYS A 177 7.96 11.11 5.48
N ASP A 178 7.59 12.39 5.56
CA ASP A 178 8.23 13.34 6.46
C ASP A 178 7.83 13.05 7.92
N GLU B 6 -8.92 -10.55 8.32
CA GLU B 6 -7.93 -9.51 8.60
C GLU B 6 -8.02 -8.39 7.55
N TRP B 7 -8.11 -7.14 8.04
CA TRP B 7 -8.21 -5.94 7.23
C TRP B 7 -6.95 -5.56 6.55
N TYR B 8 -5.84 -5.53 7.32
CA TYR B 8 -4.53 -5.17 6.80
C TYR B 8 -4.10 -6.19 5.73
N ALA B 9 -4.47 -7.49 5.88
CA ALA B 9 -4.10 -8.53 4.93
C ALA B 9 -4.76 -8.28 3.59
N ARG B 10 -6.07 -7.96 3.59
CA ARG B 10 -6.85 -7.66 2.39
C ARG B 10 -6.39 -6.34 1.75
N LEU B 11 -6.04 -5.35 2.59
CA LEU B 11 -5.49 -4.05 2.18
C LEU B 11 -4.17 -4.32 1.39
N LEU B 12 -3.26 -5.11 1.96
CA LEU B 12 -1.97 -5.44 1.34
C LEU B 12 -2.12 -6.29 0.06
N LEU B 13 -3.07 -7.24 0.06
CA LEU B 13 -3.35 -8.03 -1.13
C LEU B 13 -3.77 -7.09 -2.29
N ARG B 14 -4.57 -6.04 -2.00
CA ARG B 14 -4.99 -5.01 -2.95
C ARG B 14 -3.81 -4.15 -3.35
N CYS B 15 -2.97 -3.65 -2.37
CA CYS B 15 -1.72 -2.88 -2.63
C CYS B 15 -0.82 -3.61 -3.65
N THR B 16 -0.78 -4.95 -3.58
CA THR B 16 0.09 -5.77 -4.41
C THR B 16 -0.64 -6.38 -5.65
N ARG B 17 -1.90 -5.97 -5.90
CA ARG B 17 -2.67 -6.34 -7.09
C ARG B 17 -2.15 -5.34 -8.16
N ALA B 18 -1.10 -5.74 -8.86
CA ALA B 18 -0.37 -4.92 -9.81
C ALA B 18 -0.96 -4.90 -11.23
N GLY B 19 -2.03 -5.68 -11.44
CA GLY B 19 -2.67 -5.78 -12.74
C GLY B 19 -1.88 -6.73 -13.64
N PRO B 20 -2.15 -6.72 -14.96
CA PRO B 20 -1.44 -7.64 -15.86
C PRO B 20 0.05 -7.36 -16.04
N PRO B 21 0.89 -8.41 -16.15
CA PRO B 21 2.33 -8.18 -16.38
C PRO B 21 2.57 -7.47 -17.71
N LEU B 22 3.50 -6.51 -17.71
CA LEU B 22 3.86 -5.75 -18.91
C LEU B 22 5.18 -6.26 -19.50
N ALA B 23 5.77 -7.28 -18.84
CA ALA B 23 6.97 -8.03 -19.26
C ALA B 23 6.93 -9.39 -18.58
N LEU B 24 7.53 -10.41 -19.20
CA LEU B 24 7.59 -11.73 -18.59
C LEU B 24 9.02 -12.01 -18.16
N PRO B 25 9.25 -12.84 -17.10
CA PRO B 25 10.64 -13.12 -16.69
C PRO B 25 11.51 -13.61 -17.85
N SER B 26 12.71 -13.03 -17.95
CA SER B 26 13.72 -13.34 -18.96
C SER B 26 15.01 -13.41 -18.17
N GLY B 27 15.33 -14.63 -17.81
CA GLY B 27 16.52 -15.01 -17.08
C GLY B 27 16.25 -15.25 -15.61
N MET B 28 17.14 -15.99 -14.95
CA MET B 28 16.96 -16.19 -13.53
C MET B 28 17.35 -14.93 -12.78
N THR B 29 16.82 -14.77 -11.58
CA THR B 29 17.06 -13.63 -10.71
C THR B 29 17.65 -14.17 -9.43
N ARG B 30 18.78 -13.63 -9.05
CA ARG B 30 19.50 -13.98 -7.86
C ARG B 30 18.85 -13.16 -6.74
N LEU B 31 18.19 -13.83 -5.79
CA LEU B 31 17.48 -13.18 -4.66
C LEU B 31 18.42 -12.89 -3.50
N THR B 32 19.30 -13.85 -3.20
CA THR B 32 20.37 -13.74 -2.21
C THR B 32 21.63 -14.29 -2.87
N ASP B 33 22.80 -14.17 -2.21
CA ASP B 33 24.06 -14.68 -2.76
C ASP B 33 23.95 -16.11 -3.32
N HIS B 34 23.15 -17.01 -2.71
CA HIS B 34 23.05 -18.38 -3.20
C HIS B 34 21.65 -18.83 -3.66
N VAL B 35 20.59 -18.03 -3.47
CA VAL B 35 19.24 -18.45 -3.90
C VAL B 35 18.82 -17.68 -5.17
N TYR B 36 18.39 -18.44 -6.19
CA TYR B 36 17.98 -17.92 -7.48
C TYR B 36 16.55 -18.33 -7.75
N LEU B 37 15.84 -17.47 -8.47
CA LEU B 37 14.45 -17.63 -8.89
C LEU B 37 14.47 -17.75 -10.39
N GLY B 38 13.83 -18.79 -10.92
CA GLY B 38 13.79 -19.01 -12.36
C GLY B 38 12.59 -19.75 -12.85
N SER B 39 12.58 -20.01 -14.17
CA SER B 39 11.51 -20.71 -14.88
C SER B 39 11.97 -22.09 -15.31
N ALA B 40 11.12 -22.81 -16.08
CA ALA B 40 11.42 -24.12 -16.65
C ALA B 40 12.61 -24.02 -17.60
N GLU B 41 12.73 -22.88 -18.34
CA GLU B 41 13.83 -22.61 -19.25
C GLU B 41 15.17 -22.55 -18.51
N ASP B 42 15.19 -21.91 -17.31
CA ASP B 42 16.40 -21.82 -16.50
C ASP B 42 16.77 -23.19 -15.92
N ALA B 43 15.74 -23.94 -15.47
CA ALA B 43 15.94 -25.30 -14.91
C ALA B 43 16.51 -26.23 -15.98
N ARG B 44 15.97 -26.16 -17.21
CA ARG B 44 16.41 -26.97 -18.36
C ARG B 44 17.88 -26.72 -18.70
N ALA B 45 18.31 -25.43 -18.62
CA ALA B 45 19.69 -25.01 -18.88
C ALA B 45 20.65 -25.61 -17.85
N VAL B 46 20.26 -25.62 -16.57
CA VAL B 46 21.04 -26.23 -15.46
C VAL B 46 21.24 -27.72 -15.74
N LEU B 47 20.13 -28.44 -16.02
CA LEU B 47 20.11 -29.88 -16.30
C LEU B 47 20.89 -30.30 -17.56
N ARG B 48 21.00 -29.41 -18.58
CA ARG B 48 21.78 -29.69 -19.81
C ARG B 48 23.28 -29.46 -19.57
N GLY B 49 23.61 -28.87 -18.41
CA GLY B 49 24.98 -28.49 -18.08
C GLY B 49 25.38 -27.21 -18.82
N ASP B 50 24.37 -26.39 -19.19
CA ASP B 50 24.51 -25.14 -19.93
C ASP B 50 24.47 -23.89 -19.04
N SER B 51 24.35 -24.06 -17.72
CA SER B 51 24.28 -22.95 -16.76
C SER B 51 25.66 -22.41 -16.42
N GLY B 52 25.76 -21.11 -16.18
CA GLY B 52 26.99 -20.45 -15.78
C GLY B 52 27.18 -20.43 -14.27
N VAL B 53 26.20 -20.99 -13.53
CA VAL B 53 26.25 -21.07 -12.07
C VAL B 53 26.38 -22.57 -11.66
N ASP B 54 27.31 -22.87 -10.75
CA ASP B 54 27.50 -24.23 -10.27
C ASP B 54 26.40 -24.55 -9.27
N PHE B 55 25.17 -24.80 -9.75
CA PHE B 55 24.04 -25.11 -8.90
C PHE B 55 24.22 -26.44 -8.19
N LYS B 56 23.97 -26.44 -6.88
CA LYS B 56 24.10 -27.68 -6.11
C LYS B 56 22.72 -28.25 -5.82
N CYS B 57 21.71 -27.37 -5.81
CA CYS B 57 20.32 -27.73 -5.50
CA CYS B 57 20.34 -27.75 -5.52
C CYS B 57 19.31 -27.09 -6.46
N LEU B 58 18.24 -27.82 -6.72
CA LEU B 58 17.10 -27.40 -7.54
C LEU B 58 15.84 -27.61 -6.71
N VAL B 59 15.00 -26.58 -6.62
CA VAL B 59 13.74 -26.70 -5.90
C VAL B 59 12.67 -26.60 -7.00
N ASN B 60 12.10 -27.74 -7.33
CA ASN B 60 11.10 -27.92 -8.38
C ASN B 60 9.69 -27.82 -7.84
N MET B 61 9.00 -26.77 -8.23
CA MET B 61 7.65 -26.57 -7.74
C MET B 61 6.59 -26.77 -8.80
N THR B 62 6.86 -27.66 -9.73
CA THR B 62 5.97 -28.02 -10.82
C THR B 62 5.46 -29.41 -10.52
N MET B 63 4.46 -29.87 -11.27
CA MET B 63 3.87 -31.20 -11.10
C MET B 63 4.76 -32.32 -11.60
N SER B 64 5.54 -32.07 -12.67
CA SER B 64 6.41 -33.06 -13.30
C SER B 64 7.77 -33.17 -12.64
N LYS B 65 8.15 -34.41 -12.28
CA LYS B 65 9.44 -34.74 -11.69
C LYS B 65 10.46 -34.89 -12.83
N TYR B 66 11.76 -34.76 -12.52
CA TYR B 66 12.87 -34.95 -13.46
C TYR B 66 14.07 -35.57 -12.74
N SER B 67 14.98 -36.17 -13.54
CA SER B 67 16.23 -36.76 -13.08
C SER B 67 17.26 -35.64 -13.04
N THR B 68 18.21 -35.72 -12.11
CA THR B 68 19.28 -34.74 -11.99
C THR B 68 20.65 -35.35 -12.26
N PRO B 69 21.58 -34.58 -12.88
CA PRO B 69 22.95 -35.11 -13.06
C PRO B 69 23.64 -35.19 -11.71
N ALA B 70 24.80 -35.88 -11.68
CA ALA B 70 25.60 -36.07 -10.48
C ALA B 70 25.99 -34.72 -9.87
N GLY B 71 25.90 -34.63 -8.54
CA GLY B 71 26.25 -33.42 -7.80
C GLY B 71 25.11 -32.43 -7.61
N ILE B 72 23.96 -32.66 -8.28
CA ILE B 72 22.79 -31.78 -8.13
C ILE B 72 21.63 -32.54 -7.45
N THR B 73 21.10 -31.96 -6.36
CA THR B 73 19.98 -32.52 -5.60
C THR B 73 18.70 -31.73 -5.94
N ALA B 74 17.65 -32.43 -6.41
CA ALA B 74 16.37 -31.77 -6.73
C ALA B 74 15.31 -32.11 -5.67
N TYR B 75 14.77 -31.05 -5.07
CA TYR B 75 13.68 -31.16 -4.09
C TYR B 75 12.40 -30.86 -4.89
N HIS B 76 11.44 -31.78 -4.85
CA HIS B 76 10.20 -31.68 -5.61
C HIS B 76 9.04 -31.30 -4.71
N ILE B 77 8.46 -30.14 -4.97
CA ILE B 77 7.32 -29.62 -4.22
C ILE B 77 6.25 -29.43 -5.30
N PRO B 78 5.50 -30.49 -5.63
CA PRO B 78 4.50 -30.35 -6.70
C PRO B 78 3.35 -29.52 -6.19
N LEU B 79 3.08 -28.47 -6.93
CA LEU B 79 2.03 -27.52 -6.65
C LEU B 79 1.42 -27.17 -7.97
N ARG B 80 0.12 -26.85 -7.89
CA ARG B 80 -0.71 -26.39 -8.98
C ARG B 80 -0.80 -24.86 -8.82
N ASP B 81 -0.67 -24.13 -9.94
CA ASP B 81 -0.79 -22.69 -9.90
C ASP B 81 -2.29 -22.35 -10.04
N ASP B 82 -3.02 -22.39 -8.93
CA ASP B 82 -4.47 -22.08 -8.91
C ASP B 82 -4.90 -21.30 -7.65
N ASP B 83 -6.22 -21.04 -7.52
CA ASP B 83 -6.74 -20.24 -6.42
C ASP B 83 -7.13 -21.02 -5.18
N LYS B 84 -6.93 -22.34 -5.12
CA LYS B 84 -7.33 -23.07 -3.91
C LYS B 84 -6.17 -23.80 -3.24
N THR B 85 -5.02 -23.85 -3.92
CA THR B 85 -3.81 -24.50 -3.42
C THR B 85 -3.31 -23.86 -2.10
N ASN B 86 -3.04 -24.75 -1.13
CA ASN B 86 -2.52 -24.47 0.21
C ASN B 86 -0.97 -24.53 0.22
N ILE B 87 -0.35 -23.42 0.60
CA ILE B 87 1.11 -23.28 0.68
C ILE B 87 1.57 -22.97 2.11
N ALA B 88 0.60 -22.80 3.04
CA ALA B 88 0.81 -22.50 4.47
C ALA B 88 1.64 -23.57 5.19
N SER B 89 1.54 -24.86 4.83
CA SER B 89 2.40 -25.84 5.50
C SER B 89 3.73 -26.11 4.73
N ILE B 90 3.75 -25.82 3.42
CA ILE B 90 4.97 -25.96 2.61
C ILE B 90 5.97 -24.83 2.91
N MET B 91 5.46 -23.59 3.04
CA MET B 91 6.29 -22.39 3.23
C MET B 91 7.22 -22.43 4.44
N PRO B 92 6.80 -22.79 5.68
CA PRO B 92 7.77 -22.80 6.79
C PRO B 92 8.95 -23.75 6.55
N ALA B 93 8.70 -24.94 5.99
CA ALA B 93 9.76 -25.90 5.68
C ALA B 93 10.62 -25.42 4.55
N LEU B 94 10.01 -24.85 3.51
CA LEU B 94 10.73 -24.36 2.37
C LEU B 94 11.66 -23.18 2.70
N VAL B 95 11.18 -22.21 3.49
CA VAL B 95 12.07 -21.07 3.84
C VAL B 95 13.24 -21.53 4.73
N LYS B 96 13.00 -22.50 5.62
CA LYS B 96 14.04 -23.06 6.47
C LYS B 96 15.06 -23.81 5.62
N LEU B 97 14.59 -24.57 4.62
CA LEU B 97 15.45 -25.30 3.68
C LEU B 97 16.32 -24.31 2.87
N LEU B 98 15.73 -23.24 2.32
CA LEU B 98 16.47 -22.24 1.55
C LEU B 98 17.50 -21.52 2.41
N ALA B 99 17.15 -21.22 3.67
CA ALA B 99 18.08 -20.58 4.61
C ALA B 99 19.29 -21.52 4.93
N ARG B 100 19.03 -22.84 5.03
CA ARG B 100 20.06 -23.84 5.30
C ARG B 100 21.01 -23.96 4.09
N LEU B 101 20.45 -23.97 2.84
CA LEU B 101 21.25 -24.06 1.62
C LEU B 101 22.13 -22.81 1.45
N GLU B 102 21.57 -21.62 1.78
CA GLU B 102 22.23 -20.32 1.76
C GLU B 102 23.41 -20.34 2.75
N ALA B 103 23.15 -20.79 4.00
CA ALA B 103 24.18 -20.90 5.06
C ALA B 103 25.32 -21.85 4.65
N GLU B 104 24.97 -22.97 3.98
CA GLU B 104 25.92 -23.97 3.47
C GLU B 104 26.65 -23.47 2.19
N GLN B 105 26.33 -22.24 1.71
CA GLN B 105 26.88 -21.61 0.49
C GLN B 105 26.67 -22.50 -0.75
N LYS B 106 25.47 -23.12 -0.83
CA LYS B 106 25.06 -24.00 -1.93
C LYS B 106 24.14 -23.25 -2.90
N PRO B 107 24.61 -22.97 -4.14
CA PRO B 107 23.77 -22.25 -5.13
C PRO B 107 22.53 -23.06 -5.46
N THR B 108 21.37 -22.44 -5.24
CA THR B 108 20.07 -23.09 -5.38
C THR B 108 19.17 -22.35 -6.34
N LEU B 109 18.51 -23.11 -7.21
CA LEU B 109 17.54 -22.57 -8.14
C LEU B 109 16.11 -23.04 -7.78
N VAL B 110 15.26 -22.09 -7.38
CA VAL B 110 13.85 -22.32 -7.10
C VAL B 110 13.12 -22.01 -8.40
N HIS B 111 12.39 -23.00 -8.93
CA HIS B 111 11.74 -22.79 -10.22
C HIS B 111 10.36 -23.45 -10.33
N SER B 112 9.59 -22.94 -11.28
CA SER B 112 8.25 -23.39 -11.68
C SER B 112 8.13 -22.96 -13.14
N VAL B 113 7.19 -23.50 -13.90
CA VAL B 113 7.11 -23.36 -15.36
C VAL B 113 7.35 -21.91 -15.86
N ALA B 114 6.50 -20.95 -15.47
CA ALA B 114 6.65 -19.56 -15.93
C ALA B 114 7.67 -18.76 -15.10
N GLY B 115 8.07 -19.30 -13.95
CA GLY B 115 8.95 -18.62 -13.01
C GLY B 115 8.26 -17.42 -12.36
N VAL B 116 6.95 -17.52 -12.18
CA VAL B 116 6.13 -16.43 -11.68
C VAL B 116 5.45 -16.72 -10.33
N ASN B 117 4.53 -17.71 -10.29
CA ASN B 117 3.68 -17.90 -9.12
C ASN B 117 4.15 -18.90 -8.06
N ARG B 118 4.38 -20.16 -8.41
CA ARG B 118 4.79 -21.17 -7.40
C ARG B 118 6.16 -20.86 -6.83
N SER B 119 7.15 -20.66 -7.73
CA SER B 119 8.51 -20.31 -7.35
C SER B 119 8.57 -18.89 -6.81
N GLY B 120 7.78 -17.98 -7.38
CA GLY B 120 7.68 -16.61 -6.91
C GLY B 120 7.21 -16.59 -5.45
N ALA B 121 6.22 -17.45 -5.09
CA ALA B 121 5.74 -17.54 -3.70
C ALA B 121 6.81 -18.01 -2.74
N ALA B 122 7.61 -18.97 -3.17
CA ALA B 122 8.76 -19.47 -2.40
C ALA B 122 9.79 -18.36 -2.22
N ALA B 123 10.08 -17.63 -3.32
CA ALA B 123 11.01 -16.50 -3.36
C ALA B 123 10.55 -15.38 -2.36
N MET B 124 9.28 -15.00 -2.41
CA MET B 124 8.70 -13.98 -1.52
C MET B 124 8.78 -14.42 -0.08
N GLY B 125 8.39 -15.69 0.18
CA GLY B 125 8.47 -16.24 1.52
C GLY B 125 9.87 -16.22 2.07
N TYR B 126 10.84 -16.64 1.27
CA TYR B 126 12.25 -16.68 1.69
C TYR B 126 12.85 -15.28 1.96
N VAL B 127 12.54 -14.31 1.11
CA VAL B 127 12.99 -12.93 1.27
C VAL B 127 12.38 -12.34 2.57
N MET B 128 11.12 -12.63 2.85
CA MET B 128 10.42 -12.18 4.08
C MET B 128 11.06 -12.83 5.29
N HIS B 129 11.27 -14.15 5.21
CA HIS B 129 11.91 -14.93 6.27
C HIS B 129 13.31 -14.41 6.58
N LYS B 130 14.10 -14.13 5.53
CA LYS B 130 15.47 -13.65 5.69
C LYS B 130 15.49 -12.29 6.39
N ARG B 131 14.59 -11.39 6.01
CA ARG B 131 14.46 -10.07 6.64
C ARG B 131 14.09 -10.18 8.11
N LEU B 132 13.12 -11.04 8.43
CA LEU B 132 12.66 -11.30 9.82
C LEU B 132 13.71 -11.98 10.66
N ALA B 133 14.61 -12.77 10.04
CA ALA B 133 15.71 -13.40 10.78
C ALA B 133 16.72 -12.29 11.19
N GLU B 134 16.95 -11.31 10.29
CA GLU B 134 17.83 -10.14 10.45
C GLU B 134 17.23 -9.11 11.46
N ASN B 135 15.90 -8.90 11.42
CA ASN B 135 15.21 -8.04 12.38
C ASN B 135 13.99 -8.78 12.91
N PRO B 136 14.17 -9.60 13.97
CA PRO B 136 13.02 -10.33 14.51
C PRO B 136 12.01 -9.47 15.28
N THR B 137 12.32 -8.19 15.52
CA THR B 137 11.42 -7.29 16.25
C THR B 137 10.48 -6.53 15.31
N MET B 138 10.72 -6.63 13.99
CA MET B 138 9.98 -5.93 12.93
C MET B 138 8.48 -5.88 13.22
N THR B 139 7.89 -4.67 13.36
CA THR B 139 6.46 -4.53 13.71
C THR B 139 5.57 -4.95 12.55
N GLN B 140 4.25 -5.16 12.83
CA GLN B 140 3.29 -5.55 11.80
C GLN B 140 3.22 -4.47 10.67
N PRO B 141 3.07 -3.14 10.96
CA PRO B 141 3.13 -2.13 9.86
C PRO B 141 4.47 -2.19 9.11
N ALA B 142 5.60 -2.39 9.82
CA ALA B 142 6.95 -2.49 9.20
C ALA B 142 7.00 -3.70 8.25
N ARG B 143 6.45 -4.86 8.67
CA ARG B 143 6.36 -6.08 7.89
C ARG B 143 5.48 -5.81 6.67
N PHE B 144 4.37 -5.07 6.84
CA PHE B 144 3.39 -4.70 5.80
C PHE B 144 4.08 -3.92 4.69
N VAL B 145 4.81 -2.87 5.06
CA VAL B 145 5.51 -1.99 4.14
C VAL B 145 6.71 -2.73 3.48
N TYR B 146 7.42 -3.57 4.24
CA TYR B 146 8.54 -4.31 3.70
C TYR B 146 8.03 -5.29 2.63
N PHE B 147 6.86 -5.95 2.87
CA PHE B 147 6.28 -6.90 1.94
C PHE B 147 5.94 -6.14 0.65
N LEU B 148 5.30 -4.98 0.79
CA LEU B 148 4.92 -4.11 -0.29
C LEU B 148 6.11 -3.69 -1.16
N LYS B 149 7.15 -3.11 -0.54
CA LYS B 149 8.36 -2.62 -1.20
C LYS B 149 9.09 -3.78 -1.91
N THR B 150 9.23 -4.93 -1.25
CA THR B 150 9.93 -6.11 -1.75
C THR B 150 9.18 -6.73 -2.93
N TYR B 151 7.85 -6.80 -2.83
CA TYR B 151 7.01 -7.35 -3.88
C TYR B 151 7.21 -6.54 -5.19
N TYR B 152 7.13 -5.20 -5.09
CA TYR B 152 7.28 -4.31 -6.26
C TYR B 152 8.72 -4.25 -6.74
N GLU B 153 9.70 -4.45 -5.84
CA GLU B 153 11.11 -4.47 -6.19
C GLU B 153 11.41 -5.69 -7.08
N ILE B 154 10.94 -6.90 -6.70
CA ILE B 154 11.15 -8.13 -7.44
C ILE B 154 10.33 -8.11 -8.73
N ARG B 155 9.06 -7.64 -8.65
CA ARG B 155 8.21 -7.54 -9.84
C ARG B 155 8.80 -6.57 -10.88
N ASP B 156 9.51 -5.52 -10.43
CA ASP B 156 10.16 -4.60 -11.35
C ASP B 156 11.25 -5.33 -12.17
N LEU B 157 12.00 -6.26 -11.51
CA LEU B 157 13.08 -7.00 -12.18
C LEU B 157 12.56 -8.10 -13.10
N ARG B 158 11.43 -8.70 -12.75
CA ARG B 158 10.91 -9.89 -13.41
C ARG B 158 9.69 -9.68 -14.30
N GLY B 159 9.03 -8.53 -14.16
CA GLY B 159 7.85 -8.19 -14.94
C GLY B 159 6.59 -8.83 -14.41
N ALA B 160 6.62 -10.17 -14.22
CA ALA B 160 5.54 -10.93 -13.65
C ALA B 160 6.10 -11.63 -12.45
N PHE B 161 5.43 -11.49 -11.31
CA PHE B 161 5.90 -12.08 -10.05
C PHE B 161 4.75 -12.21 -9.09
N LEU B 162 4.46 -13.43 -8.65
CA LEU B 162 3.45 -13.68 -7.63
C LEU B 162 2.10 -12.99 -7.92
N GLU B 163 1.59 -13.25 -9.12
CA GLU B 163 0.34 -12.69 -9.62
C GLU B 163 -0.83 -13.41 -8.95
N ASN B 164 -0.63 -14.70 -8.63
CA ASN B 164 -1.59 -15.55 -7.96
C ASN B 164 -1.92 -14.91 -6.58
N ALA B 165 -3.13 -14.32 -6.49
CA ALA B 165 -3.67 -13.63 -5.31
C ALA B 165 -3.82 -14.59 -4.12
N ASN B 166 -4.18 -15.87 -4.37
CA ASN B 166 -4.32 -16.92 -3.36
C ASN B 166 -3.00 -17.12 -2.59
N PHE B 167 -1.91 -17.26 -3.32
CA PHE B 167 -0.56 -17.46 -2.78
C PHE B 167 -0.10 -16.20 -2.09
N ARG B 168 -0.31 -15.04 -2.74
CA ARG B 168 0.12 -13.75 -2.18
C ARG B 168 -0.60 -13.49 -0.87
N TYR B 169 -1.90 -13.82 -0.77
CA TYR B 169 -2.67 -13.62 0.45
C TYR B 169 -2.12 -14.56 1.54
N GLN B 170 -1.86 -15.85 1.21
CA GLN B 170 -1.31 -16.80 2.18
C GLN B 170 0.06 -16.33 2.72
N LEU B 171 0.87 -15.71 1.87
CA LEU B 171 2.18 -15.14 2.25
C LEU B 171 2.00 -13.92 3.15
N ILE B 172 1.04 -13.06 2.81
CA ILE B 172 0.71 -11.88 3.64
C ILE B 172 0.31 -12.38 5.02
N LYS B 173 -0.60 -13.36 5.11
CA LYS B 173 -1.08 -13.92 6.40
C LYS B 173 0.07 -14.44 7.25
N MET B 174 0.96 -15.22 6.63
CA MET B 174 2.09 -15.83 7.29
C MET B 174 3.20 -14.85 7.72
N PHE B 175 3.62 -13.92 6.84
CA PHE B 175 4.78 -13.05 7.13
C PHE B 175 4.45 -11.62 7.51
N VAL B 176 3.20 -11.21 7.36
CA VAL B 176 2.82 -9.85 7.75
C VAL B 176 1.92 -9.89 8.95
N CYS B 177 0.83 -10.65 8.86
CA CYS B 177 -0.16 -10.75 9.94
C CYS B 177 0.39 -11.48 11.16
N ASP B 178 0.88 -12.72 10.97
CA ASP B 178 1.44 -13.51 12.07
C ASP B 178 2.78 -12.92 12.51
N SER B 179 3.04 -12.91 13.83
CA SER B 179 4.26 -12.34 14.40
C SER B 179 5.53 -13.16 14.13
P PO4 C . -13.40 19.83 -5.11
O1 PO4 C . -13.31 18.42 -5.83
O2 PO4 C . -12.03 20.39 -4.82
O3 PO4 C . -14.23 19.59 -3.78
O4 PO4 C . -14.21 20.88 -6.01
P PO4 D . 4.35 -20.44 -12.44
O1 PO4 D . 4.01 -21.45 -13.63
O2 PO4 D . 3.48 -19.11 -12.58
O3 PO4 D . 5.90 -20.07 -12.46
O4 PO4 D . 4.06 -21.08 -11.11
S SO4 E . 2.68 -27.76 -14.43
O1 SO4 E . 1.34 -28.30 -14.73
O2 SO4 E . 3.63 -28.23 -15.44
O3 SO4 E . 2.58 -26.28 -14.46
O4 SO4 E . 3.12 -28.21 -13.11
#